data_9DQ1
#
_entry.id   9DQ1
#
_cell.length_a   44.342
_cell.length_b   74.971
_cell.length_c   87.295
_cell.angle_alpha   90.000
_cell.angle_beta   90.032
_cell.angle_gamma   90.000
#
_symmetry.space_group_name_H-M   'P 1 21 1'
#
loop_
_entity.id
_entity.type
_entity.pdbx_description
1 polymer 'BsmA domain containing protein'
2 non-polymer 'MANGANESE (II) ION'
3 non-polymer '2-OXOGLUTARIC ACID'
4 non-polymer 6-nitro-L-norleucine
5 non-polymer 'IODIDE ION'
6 non-polymer 1,2-ETHANEDIOL
7 non-polymer GLYCEROL
8 water water
#
_entity_poly.entity_id   1
_entity_poly.type   'polypeptide(L)'
_entity_poly.pdbx_seq_one_letter_code
;MPLGTEGFTVIDLPEVAPDILPSYDRCPVDDYMGNGTRFKRFSQYKLTPAEDDTWSFKRLPHRDYTTYKKFNPVGGGIRR
VYEPIEVDFTPLISEGIRELGLDRSEPWQINVHQNRTRADGGRPGPLTPEGVHHDGHEFVMIAILNKVNVAGGTTRLWKP
GADAPFWSGTLEAGQAVLLDDRGLAHDVTDVLSADGGPGHRDIVIIAFSRWAEKWYGDEHDAAALEEQEAHHHHHH
;
_entity_poly.pdbx_strand_id   A,B
#
loop_
_chem_comp.id
_chem_comp.type
_chem_comp.name
_chem_comp.formula
AKG non-polymer '2-OXOGLUTARIC ACID' 'C5 H6 O5'
EDO non-polymer 1,2-ETHANEDIOL 'C2 H6 O2'
GOL non-polymer GLYCEROL 'C3 H8 O3'
IOD non-polymer 'IODIDE ION' 'I -1'
MN non-polymer 'MANGANESE (II) ION' 'Mn 2'
#
# COMPACT_ATOMS: atom_id res chain seq x y z
N PRO A 2 32.84 6.40 -10.45
CA PRO A 2 32.04 6.07 -9.27
C PRO A 2 30.94 7.11 -9.00
N LEU A 3 30.14 6.88 -7.95
CA LEU A 3 29.03 7.77 -7.64
C LEU A 3 29.51 9.11 -7.10
N GLY A 4 28.64 10.12 -7.19
CA GLY A 4 28.94 11.44 -6.64
C GLY A 4 29.13 11.39 -5.12
N THR A 5 29.66 12.49 -4.58
CA THR A 5 29.98 12.50 -3.15
C THR A 5 28.74 12.42 -2.29
N GLU A 6 27.57 12.73 -2.84
CA GLU A 6 26.32 12.65 -2.12
C GLU A 6 25.61 11.31 -2.27
N GLY A 7 26.23 10.34 -2.94
CA GLY A 7 25.67 9.01 -3.00
C GLY A 7 24.72 8.76 -4.14
N PHE A 8 24.73 9.61 -5.16
CA PHE A 8 23.88 9.39 -6.31
C PHE A 8 24.49 10.09 -7.51
N THR A 9 24.08 9.63 -8.69
CA THR A 9 24.44 10.29 -9.95
C THR A 9 23.28 10.13 -10.92
N VAL A 10 23.01 11.16 -11.71
CA VAL A 10 22.02 11.08 -12.78
C VAL A 10 22.78 10.98 -14.09
N ILE A 11 22.39 10.03 -14.95
CA ILE A 11 23.10 9.85 -16.22
C ILE A 11 22.10 9.84 -17.38
N ASP A 12 22.61 10.17 -18.56
CA ASP A 12 21.88 10.00 -19.82
C ASP A 12 22.15 8.62 -20.39
N LEU A 13 21.13 8.01 -20.93
CA LEU A 13 21.27 6.68 -21.49
C LEU A 13 21.42 6.75 -23.01
N PRO A 14 22.10 5.80 -23.63
CA PRO A 14 22.14 5.77 -25.10
C PRO A 14 20.81 5.30 -25.65
N GLU A 15 20.69 5.38 -26.97
CA GLU A 15 19.51 4.87 -27.64
C GLU A 15 19.31 3.40 -27.29
N VAL A 16 18.05 3.02 -27.13
CA VAL A 16 17.72 1.65 -26.81
C VAL A 16 17.22 0.94 -28.06
N ALA A 17 17.34 -0.39 -28.05
CA ALA A 17 16.94 -1.24 -29.16
C ALA A 17 15.46 -1.01 -29.47
N PRO A 18 15.04 -1.22 -30.73
CA PRO A 18 13.67 -0.86 -31.11
C PRO A 18 12.58 -1.68 -30.43
N ASP A 19 12.92 -2.80 -29.80
CA ASP A 19 11.89 -3.62 -29.16
C ASP A 19 11.60 -3.21 -27.72
N ILE A 20 12.41 -2.32 -27.14
CA ILE A 20 12.29 -2.02 -25.70
C ILE A 20 11.00 -1.29 -25.38
N LEU A 21 10.78 -0.14 -26.01
CA LEU A 21 9.61 0.65 -25.67
C LEU A 21 8.30 -0.07 -25.96
N PRO A 22 8.14 -0.74 -27.11
CA PRO A 22 6.87 -1.46 -27.35
C PRO A 22 6.61 -2.57 -26.35
N SER A 23 7.65 -3.13 -25.72
CA SER A 23 7.44 -4.25 -24.84
C SER A 23 6.63 -3.89 -23.60
N TYR A 24 6.58 -2.60 -23.24
CA TYR A 24 5.80 -2.17 -22.08
C TYR A 24 4.31 -2.36 -22.31
N ASP A 25 3.87 -2.36 -23.58
CA ASP A 25 2.48 -2.65 -23.89
C ASP A 25 2.08 -4.07 -23.58
N ARG A 26 3.04 -4.97 -23.34
CA ARG A 26 2.76 -6.38 -23.15
C ARG A 26 3.12 -6.84 -21.74
N CYS A 27 3.22 -5.90 -20.79
CA CYS A 27 3.41 -6.26 -19.40
C CYS A 27 2.06 -6.43 -18.74
N PRO A 28 1.80 -7.56 -18.09
CA PRO A 28 0.52 -7.79 -17.44
C PRO A 28 0.43 -7.01 -16.14
N VAL A 29 -0.79 -6.91 -15.62
CA VAL A 29 -0.99 -6.14 -14.39
C VAL A 29 -0.17 -6.76 -13.26
N ASP A 30 0.38 -5.89 -12.41
CA ASP A 30 1.02 -6.28 -11.15
C ASP A 30 -0.08 -6.63 -10.17
N ASP A 31 -0.21 -7.92 -9.83
CA ASP A 31 -1.29 -8.35 -8.93
C ASP A 31 -1.09 -7.91 -7.49
N TYR A 32 0.10 -7.40 -7.14
CA TYR A 32 0.46 -7.22 -5.74
C TYR A 32 0.65 -5.77 -5.33
N MET A 33 0.89 -4.87 -6.28
CA MET A 33 1.19 -3.49 -5.94
C MET A 33 0.55 -2.55 -6.94
N GLY A 34 0.15 -1.38 -6.45
CA GLY A 34 -0.37 -0.33 -7.31
C GLY A 34 -1.86 -0.35 -7.50
N ASN A 35 -2.56 -1.32 -6.93
CA ASN A 35 -4.02 -1.43 -7.01
C ASN A 35 -4.53 -1.20 -8.42
N GLY A 36 -4.00 -2.00 -9.33
CA GLY A 36 -4.42 -1.98 -10.72
C GLY A 36 -3.78 -0.91 -11.59
N THR A 37 -2.99 0.00 -11.01
CA THR A 37 -2.32 1.04 -11.80
C THR A 37 -0.94 0.60 -12.33
N ARG A 38 -0.46 -0.58 -11.97
CA ARG A 38 0.92 -0.97 -12.27
C ARG A 38 0.96 -2.25 -13.10
N PHE A 39 1.93 -2.33 -14.00
CA PHE A 39 2.12 -3.47 -14.88
C PHE A 39 3.60 -3.84 -14.88
N LYS A 40 3.91 -5.13 -14.96
CA LYS A 40 5.24 -5.55 -14.53
C LYS A 40 5.72 -6.83 -15.22
N ARG A 41 7.02 -6.87 -15.53
CA ARG A 41 7.75 -8.13 -15.74
C ARG A 41 9.02 -8.11 -14.91
N PHE A 42 9.57 -9.30 -14.63
CA PHE A 42 10.63 -9.43 -13.62
C PHE A 42 11.60 -10.51 -14.05
N SER A 43 12.89 -10.20 -14.03
CA SER A 43 13.90 -11.22 -14.27
C SER A 43 15.11 -10.95 -13.39
N GLN A 44 15.96 -11.96 -13.25
CA GLN A 44 17.12 -11.87 -12.37
C GLN A 44 18.36 -12.38 -13.11
N TYR A 45 19.51 -11.77 -12.85
CA TYR A 45 20.74 -12.12 -13.54
C TYR A 45 21.90 -12.25 -12.57
N LYS A 46 22.85 -13.11 -12.94
CA LYS A 46 24.18 -13.06 -12.35
C LYS A 46 25.08 -12.16 -13.20
N LEU A 47 25.87 -11.33 -12.53
CA LEU A 47 26.89 -10.48 -13.16
C LEU A 47 28.25 -10.99 -12.73
N THR A 48 29.06 -11.41 -13.70
CA THR A 48 30.39 -11.88 -13.39
C THR A 48 31.43 -11.01 -14.09
N PRO A 49 32.50 -10.63 -13.39
CA PRO A 49 33.63 -9.99 -14.07
C PRO A 49 34.17 -10.92 -15.15
N ALA A 50 34.50 -10.33 -16.30
CA ALA A 50 34.98 -11.04 -17.47
C ALA A 50 36.26 -10.41 -17.98
N GLU A 51 36.94 -11.14 -18.89
CA GLU A 51 38.19 -10.71 -19.50
C GLU A 51 38.10 -9.27 -20.01
N ASP A 52 39.26 -8.61 -20.06
CA ASP A 52 39.40 -7.32 -20.74
C ASP A 52 38.46 -6.27 -20.15
N ASP A 53 38.27 -6.31 -18.83
CA ASP A 53 37.54 -5.28 -18.08
C ASP A 53 36.05 -5.23 -18.42
N THR A 54 35.45 -6.39 -18.72
CA THR A 54 34.05 -6.46 -19.12
C THR A 54 33.23 -7.17 -18.04
N TRP A 55 31.91 -7.18 -18.23
CA TRP A 55 31.01 -7.92 -17.35
C TRP A 55 30.13 -8.85 -18.17
N SER A 56 29.91 -10.05 -17.67
CA SER A 56 29.07 -11.03 -18.34
C SER A 56 27.74 -11.16 -17.61
N PHE A 57 26.64 -11.21 -18.36
CA PHE A 57 25.29 -11.35 -17.80
C PHE A 57 24.78 -12.76 -18.03
N LYS A 58 24.19 -13.37 -17.00
CA LYS A 58 23.52 -14.65 -17.17
C LYS A 58 22.14 -14.60 -16.56
N ARG A 59 21.12 -14.81 -17.38
CA ARG A 59 19.75 -14.82 -16.89
C ARG A 59 19.52 -16.06 -16.03
N LEU A 60 19.06 -15.86 -14.80
CA LEU A 60 18.89 -16.97 -13.89
C LEU A 60 17.53 -17.64 -14.11
N PRO A 61 17.40 -18.91 -13.73
CA PRO A 61 16.09 -19.57 -13.77
C PRO A 61 15.03 -18.72 -13.09
N HIS A 62 13.86 -18.65 -13.72
CA HIS A 62 12.83 -17.70 -13.31
C HIS A 62 12.21 -18.12 -11.99
N ARG A 63 12.15 -17.18 -11.04
CA ARG A 63 11.61 -17.44 -9.71
C ARG A 63 10.72 -16.28 -9.28
N ASP A 64 9.82 -16.58 -8.34
CA ASP A 64 9.00 -15.55 -7.72
C ASP A 64 9.88 -14.49 -7.08
N TYR A 65 9.43 -13.24 -7.14
CA TYR A 65 10.12 -12.17 -6.44
C TYR A 65 9.74 -12.21 -4.96
N THR A 66 10.74 -12.12 -4.10
CA THR A 66 10.47 -11.98 -2.66
C THR A 66 11.32 -10.86 -2.11
N THR A 67 10.74 -10.03 -1.26
CA THR A 67 11.49 -9.02 -0.56
C THR A 67 11.03 -9.02 0.89
N TYR A 68 11.70 -8.23 1.72
CA TYR A 68 11.48 -8.23 3.16
C TYR A 68 10.46 -7.19 3.55
N LYS A 69 9.57 -7.54 4.48
CA LYS A 69 8.66 -6.54 5.03
C LYS A 69 9.40 -5.39 5.68
N LYS A 70 10.61 -5.64 6.21
CA LYS A 70 11.34 -4.57 6.87
C LYS A 70 11.72 -3.47 5.90
N PHE A 71 11.84 -3.79 4.61
CA PHE A 71 12.15 -2.79 3.59
C PHE A 71 10.91 -2.33 2.83
N ASN A 72 9.99 -3.23 2.57
CA ASN A 72 8.80 -2.95 1.77
C ASN A 72 7.57 -3.30 2.60
N PRO A 73 6.94 -2.32 3.24
CA PRO A 73 5.80 -2.62 4.12
C PRO A 73 4.56 -3.09 3.38
N VAL A 74 4.42 -2.79 2.09
CA VAL A 74 3.20 -3.11 1.37
C VAL A 74 3.33 -4.30 0.43
N GLY A 75 4.55 -4.67 0.04
CA GLY A 75 4.71 -5.77 -0.89
C GLY A 75 5.79 -6.74 -0.47
N GLY A 76 6.18 -6.70 0.81
CA GLY A 76 7.21 -7.56 1.34
C GLY A 76 6.64 -8.77 2.08
N GLY A 77 7.49 -9.78 2.22
CA GLY A 77 7.11 -10.96 2.99
C GLY A 77 6.21 -11.93 2.28
N ILE A 78 6.05 -11.80 0.96
CA ILE A 78 5.17 -12.68 0.20
C ILE A 78 5.83 -13.04 -1.14
N ARG A 79 5.42 -14.19 -1.68
CA ARG A 79 5.82 -14.61 -3.02
C ARG A 79 5.03 -13.82 -4.05
N ARG A 80 5.74 -13.12 -4.94
CA ARG A 80 5.11 -12.31 -5.96
C ARG A 80 5.42 -12.97 -7.30
N VAL A 81 4.41 -13.57 -7.91
CA VAL A 81 4.55 -14.36 -9.13
C VAL A 81 4.43 -13.42 -10.33
N TYR A 82 5.55 -13.18 -10.98
CA TYR A 82 5.60 -12.32 -12.15
C TYR A 82 6.04 -13.12 -13.37
N GLU A 83 5.85 -12.54 -14.50
CA GLU A 83 6.32 -13.15 -15.73
C GLU A 83 7.67 -12.58 -16.13
N PRO A 84 8.50 -13.36 -16.82
CA PRO A 84 9.86 -12.89 -17.16
C PRO A 84 9.82 -11.73 -18.13
N ILE A 85 10.89 -10.94 -18.07
CA ILE A 85 11.07 -9.87 -19.05
C ILE A 85 11.38 -10.50 -20.41
N GLU A 86 10.77 -9.97 -21.45
CA GLU A 86 11.00 -10.52 -22.79
C GLU A 86 12.24 -9.94 -23.44
N VAL A 87 12.47 -8.64 -23.27
CA VAL A 87 13.55 -7.96 -23.96
C VAL A 87 14.84 -8.02 -23.16
N ASP A 88 15.89 -7.39 -23.69
CA ASP A 88 17.24 -7.46 -23.13
C ASP A 88 17.65 -6.08 -22.64
N PHE A 89 17.55 -5.84 -21.33
CA PHE A 89 17.96 -4.57 -20.76
C PHE A 89 19.45 -4.48 -20.48
N THR A 90 20.21 -5.55 -20.74
CA THR A 90 21.59 -5.57 -20.28
C THR A 90 22.49 -4.48 -20.88
N PRO A 91 22.33 -4.03 -22.13
CA PRO A 91 23.16 -2.89 -22.57
C PRO A 91 22.87 -1.63 -21.78
N LEU A 92 21.63 -1.41 -21.40
CA LEU A 92 21.33 -0.25 -20.59
C LEU A 92 21.87 -0.43 -19.17
N ILE A 93 21.76 -1.64 -18.63
CA ILE A 93 22.30 -1.92 -17.30
C ILE A 93 23.81 -1.72 -17.30
N SER A 94 24.49 -2.11 -18.39
CA SER A 94 25.94 -1.92 -18.48
C SER A 94 26.34 -0.48 -18.28
N GLU A 95 25.54 0.46 -18.78
CA GLU A 95 25.83 1.87 -18.59
C GLU A 95 25.80 2.22 -17.11
N GLY A 96 24.89 1.60 -16.35
CA GLY A 96 24.90 1.77 -14.90
C GLY A 96 26.13 1.16 -14.24
N ILE A 97 26.52 -0.05 -14.66
CA ILE A 97 27.71 -0.68 -14.09
C ILE A 97 28.93 0.21 -14.28
N ARG A 98 29.10 0.73 -15.49
CA ARG A 98 30.22 1.60 -15.82
C ARG A 98 30.27 2.83 -14.90
N GLU A 99 29.13 3.45 -14.68
CA GLU A 99 29.12 4.68 -13.89
C GLU A 99 29.26 4.37 -12.40
N LEU A 100 28.77 3.22 -11.94
CA LEU A 100 29.00 2.82 -10.55
C LEU A 100 30.45 2.43 -10.29
N GLY A 101 31.17 1.97 -11.32
CA GLY A 101 32.47 1.37 -11.10
C GLY A 101 32.33 0.16 -10.20
N LEU A 102 31.42 -0.74 -10.59
CA LEU A 102 31.09 -1.89 -9.76
C LEU A 102 32.34 -2.70 -9.40
N ASP A 103 32.45 -3.05 -8.12
CA ASP A 103 33.59 -3.77 -7.58
C ASP A 103 33.80 -5.09 -8.30
N ARG A 104 34.97 -5.26 -8.91
CA ARG A 104 35.26 -6.47 -9.69
C ARG A 104 35.76 -7.62 -8.83
N SER A 105 35.92 -7.43 -7.52
CA SER A 105 36.58 -8.45 -6.71
C SER A 105 35.66 -9.61 -6.38
N GLU A 106 34.37 -9.52 -6.70
CA GLU A 106 33.45 -10.63 -6.53
C GLU A 106 32.29 -10.45 -7.48
N PRO A 107 31.54 -11.51 -7.79
CA PRO A 107 30.42 -11.41 -8.71
C PRO A 107 29.21 -10.80 -8.02
N TRP A 108 28.23 -10.41 -8.85
CA TRP A 108 27.05 -9.71 -8.38
C TRP A 108 25.79 -10.45 -8.85
N GLN A 109 24.65 -10.05 -8.31
CA GLN A 109 23.34 -10.54 -8.70
C GLN A 109 22.41 -9.33 -8.80
N ILE A 110 21.60 -9.26 -9.86
CA ILE A 110 20.68 -8.13 -10.01
C ILE A 110 19.26 -8.63 -10.14
N ASN A 111 18.34 -7.89 -9.51
CA ASN A 111 16.91 -7.95 -9.78
C ASN A 111 16.56 -6.89 -10.81
N VAL A 112 15.79 -7.26 -11.82
CA VAL A 112 15.39 -6.34 -12.88
C VAL A 112 13.88 -6.27 -12.92
N HIS A 113 13.33 -5.07 -12.67
CA HIS A 113 11.90 -4.84 -12.64
C HIS A 113 11.51 -3.96 -13.80
N GLN A 114 10.70 -4.48 -14.71
CA GLN A 114 10.18 -3.70 -15.82
C GLN A 114 8.77 -3.24 -15.44
N ASN A 115 8.61 -1.94 -15.19
CA ASN A 115 7.39 -1.36 -14.63
C ASN A 115 6.76 -0.36 -15.59
N ARG A 116 5.44 -0.44 -15.74
CA ARG A 116 4.62 0.63 -16.27
C ARG A 116 3.60 1.02 -15.22
N THR A 117 3.53 2.31 -14.92
CA THR A 117 2.50 2.84 -14.03
C THR A 117 1.63 3.79 -14.84
N ARG A 118 0.33 3.63 -14.75
CA ARG A 118 -0.62 4.47 -15.45
C ARG A 118 -1.25 5.47 -14.49
N ALA A 119 -1.51 6.66 -15.01
CA ALA A 119 -2.32 7.65 -14.32
C ALA A 119 -3.49 8.04 -15.20
N ASP A 120 -4.54 8.57 -14.58
CA ASP A 120 -5.71 9.03 -15.31
C ASP A 120 -6.32 10.16 -14.50
N GLY A 121 -7.24 10.89 -15.14
CA GLY A 121 -7.98 11.92 -14.43
C GLY A 121 -8.56 11.38 -13.13
N GLY A 122 -8.22 12.02 -12.01
CA GLY A 122 -8.71 11.62 -10.70
C GLY A 122 -8.06 10.40 -10.08
N ARG A 123 -7.18 9.70 -10.80
CA ARG A 123 -6.51 8.50 -10.28
C ARG A 123 -5.01 8.58 -10.55
N PRO A 124 -4.24 9.12 -9.61
CA PRO A 124 -2.78 9.11 -9.75
C PRO A 124 -2.22 7.70 -9.78
N GLY A 125 -0.99 7.58 -10.29
CA GLY A 125 -0.30 6.30 -10.25
C GLY A 125 0.80 6.29 -9.21
N PRO A 126 0.62 5.51 -8.14
CA PRO A 126 1.63 5.50 -7.07
C PRO A 126 2.90 4.82 -7.54
N LEU A 127 4.03 5.49 -7.32
CA LEU A 127 5.33 4.95 -7.70
C LEU A 127 6.08 4.34 -6.52
N THR A 128 6.01 4.92 -5.33
CA THR A 128 6.63 4.35 -4.14
C THR A 128 5.61 4.32 -3.00
N PRO A 129 4.60 3.44 -3.08
CA PRO A 129 3.66 3.30 -1.95
C PRO A 129 4.35 2.84 -0.67
N GLU A 130 5.58 2.32 -0.77
CA GLU A 130 6.40 2.07 0.40
C GLU A 130 6.68 3.32 1.21
N GLY A 131 6.46 4.51 0.63
CA GLY A 131 6.94 5.71 1.30
C GLY A 131 8.46 5.84 1.10
N VAL A 132 9.07 6.68 1.95
CA VAL A 132 10.52 6.82 1.91
C VAL A 132 11.13 5.50 2.35
N HIS A 133 12.04 4.95 1.55
CA HIS A 133 12.46 3.58 1.82
C HIS A 133 13.86 3.33 1.28
N HIS A 134 14.45 2.23 1.75
CA HIS A 134 15.59 1.59 1.10
C HIS A 134 15.07 0.33 0.41
N ASP A 135 15.63 0.02 -0.75
CA ASP A 135 15.16 -1.20 -1.39
C ASP A 135 15.76 -2.42 -0.71
N GLY A 136 16.87 -2.25 0.00
CA GLY A 136 17.50 -3.29 0.77
C GLY A 136 18.80 -3.79 0.18
N HIS A 137 19.20 -3.27 -0.97
CA HIS A 137 20.37 -3.76 -1.66
C HIS A 137 21.54 -2.81 -1.44
N GLU A 138 22.59 -2.97 -2.25
CA GLU A 138 23.74 -2.10 -2.10
C GLU A 138 23.68 -0.91 -3.05
N PHE A 139 23.30 -1.14 -4.30
CA PHE A 139 23.08 -0.06 -5.27
C PHE A 139 21.76 -0.26 -5.99
N VAL A 140 21.14 0.83 -6.44
CA VAL A 140 19.92 0.76 -7.24
C VAL A 140 20.08 1.70 -8.43
N MET A 141 19.66 1.24 -9.61
CA MET A 141 19.56 2.04 -10.82
C MET A 141 18.11 2.11 -11.25
N ILE A 142 17.58 3.32 -11.43
CA ILE A 142 16.21 3.48 -11.92
C ILE A 142 16.28 4.27 -13.23
N ALA A 143 15.84 3.64 -14.31
CA ALA A 143 15.93 4.22 -15.63
C ALA A 143 14.53 4.51 -16.16
N ILE A 144 14.33 5.70 -16.71
CA ILE A 144 13.08 6.09 -17.34
C ILE A 144 13.16 5.80 -18.82
N LEU A 145 12.26 4.96 -19.31
CA LEU A 145 12.29 4.60 -20.72
C LEU A 145 11.29 5.38 -21.56
N ASN A 146 10.17 5.80 -20.98
CA ASN A 146 9.13 6.49 -21.73
C ASN A 146 8.15 7.13 -20.76
N LYS A 147 7.68 8.33 -21.09
CA LYS A 147 6.66 9.04 -20.31
C LYS A 147 5.70 9.67 -21.30
N VAL A 148 4.40 9.45 -21.12
CA VAL A 148 3.37 9.98 -22.01
C VAL A 148 2.30 10.61 -21.15
N ASN A 149 2.14 11.94 -21.25
CA ASN A 149 0.99 12.65 -20.69
C ASN A 149 0.93 12.52 -19.18
N VAL A 150 2.06 12.70 -18.53
CA VAL A 150 2.11 12.62 -17.07
C VAL A 150 2.75 13.87 -16.49
N ALA A 151 2.35 14.20 -15.27
CA ALA A 151 3.00 15.17 -14.40
C ALA A 151 3.39 14.46 -13.12
N GLY A 152 4.04 15.17 -12.21
CA GLY A 152 4.49 14.49 -11.01
C GLY A 152 5.63 13.53 -11.31
N GLY A 153 5.69 12.44 -10.56
CA GLY A 153 6.77 11.48 -10.78
C GLY A 153 8.13 12.04 -10.45
N THR A 154 8.23 12.78 -9.35
CA THR A 154 9.47 13.44 -8.97
C THR A 154 10.21 12.58 -7.95
N THR A 155 11.44 12.22 -8.28
CA THR A 155 12.31 11.45 -7.40
C THR A 155 12.86 12.35 -6.30
N ARG A 156 12.86 11.84 -5.08
CA ARG A 156 13.38 12.59 -3.94
C ARG A 156 14.33 11.69 -3.16
N LEU A 157 15.52 12.21 -2.85
CA LEU A 157 16.54 11.46 -2.12
C LEU A 157 16.66 12.01 -0.71
N TRP A 158 16.80 11.12 0.26
CA TRP A 158 16.71 11.48 1.67
C TRP A 158 17.91 10.92 2.43
N LYS A 159 18.48 11.75 3.29
CA LYS A 159 19.42 11.20 4.25
C LYS A 159 18.63 10.35 5.25
N PRO A 160 19.21 9.24 5.72
CA PRO A 160 18.45 8.32 6.57
C PRO A 160 17.89 9.03 7.80
N GLY A 161 16.59 8.83 8.04
CA GLY A 161 15.91 9.45 9.16
C GLY A 161 15.54 10.91 9.00
N ALA A 162 15.92 11.57 7.90
CA ALA A 162 15.62 12.99 7.73
C ALA A 162 14.13 13.23 7.48
N ASP A 163 13.67 14.44 7.79
CA ASP A 163 12.28 14.79 7.59
C ASP A 163 12.03 15.57 6.30
N ALA A 164 13.07 15.80 5.49
CA ALA A 164 12.94 16.44 4.19
C ALA A 164 14.00 15.85 3.28
N PRO A 165 13.71 15.72 1.99
CA PRO A 165 14.77 15.25 1.08
C PRO A 165 15.81 16.32 0.87
N PHE A 166 17.03 15.88 0.53
CA PHE A 166 18.07 16.85 0.23
C PHE A 166 18.24 17.10 -1.25
N TRP A 167 17.68 16.26 -2.11
CA TRP A 167 17.75 16.46 -3.55
C TRP A 167 16.44 16.00 -4.16
N SER A 168 15.97 16.73 -5.19
CA SER A 168 14.75 16.40 -5.89
C SER A 168 14.96 16.60 -7.38
N GLY A 169 14.30 15.75 -8.17
CA GLY A 169 14.32 15.90 -9.61
C GLY A 169 13.36 14.97 -10.32
N THR A 170 12.70 15.47 -11.36
CA THR A 170 11.77 14.66 -12.14
C THR A 170 12.54 14.04 -13.30
N LEU A 171 12.77 12.75 -13.22
CA LEU A 171 13.58 12.08 -14.23
C LEU A 171 12.75 11.87 -15.48
N GLU A 172 13.35 12.15 -16.64
CA GLU A 172 12.66 12.09 -17.92
C GLU A 172 13.16 10.92 -18.74
N ALA A 173 12.41 10.62 -19.80
CA ALA A 173 12.76 9.51 -20.67
C ALA A 173 14.19 9.72 -21.17
N GLY A 174 15.00 8.69 -21.07
CA GLY A 174 16.40 8.80 -21.40
C GLY A 174 17.31 9.07 -20.22
N GLN A 175 16.78 9.23 -19.01
CA GLN A 175 17.60 9.46 -17.83
C GLN A 175 17.51 8.27 -16.89
N ALA A 176 18.58 8.09 -16.10
CA ALA A 176 18.58 7.13 -15.00
C ALA A 176 19.27 7.76 -13.80
N VAL A 177 18.81 7.40 -12.60
CA VAL A 177 19.52 7.74 -11.38
C VAL A 177 20.18 6.48 -10.84
N LEU A 178 21.41 6.62 -10.39
CA LEU A 178 22.16 5.58 -9.69
C LEU A 178 22.27 5.99 -8.23
N LEU A 179 21.99 5.06 -7.31
CA LEU A 179 21.89 5.38 -5.89
C LEU A 179 22.66 4.40 -5.01
N ASP A 180 23.35 4.96 -4.02
CA ASP A 180 23.77 4.21 -2.83
C ASP A 180 22.53 3.88 -2.02
N ASP A 181 22.05 2.65 -2.14
CA ASP A 181 20.79 2.23 -1.53
C ASP A 181 20.90 2.02 -0.03
N ARG A 182 22.12 2.02 0.52
CA ARG A 182 22.33 1.91 1.96
C ARG A 182 22.47 3.28 2.64
N GLY A 183 23.25 4.18 2.06
CA GLY A 183 23.48 5.49 2.65
C GLY A 183 22.38 6.51 2.41
N LEU A 184 21.54 6.30 1.39
CA LEU A 184 20.40 7.17 1.11
C LEU A 184 19.11 6.36 1.10
N ALA A 185 17.98 7.04 1.32
CA ALA A 185 16.66 6.48 1.09
C ALA A 185 15.99 7.29 -0.01
N HIS A 186 14.93 6.74 -0.61
CA HIS A 186 14.28 7.44 -1.70
C HIS A 186 12.76 7.28 -1.63
N ASP A 187 12.07 8.25 -2.24
CA ASP A 187 10.70 8.02 -2.66
C ASP A 187 10.48 8.79 -3.96
N VAL A 188 9.30 8.64 -4.53
CA VAL A 188 8.95 9.35 -5.76
C VAL A 188 7.49 9.80 -5.64
N THR A 189 7.20 11.03 -6.05
CA THR A 189 5.81 11.47 -5.99
C THR A 189 5.00 10.74 -7.06
N ASP A 190 3.71 10.58 -6.78
CA ASP A 190 2.79 9.89 -7.69
C ASP A 190 2.85 10.51 -9.08
N VAL A 191 2.65 9.69 -10.10
CA VAL A 191 2.46 10.24 -11.43
C VAL A 191 0.99 10.66 -11.56
N LEU A 192 0.80 11.83 -12.17
CA LEU A 192 -0.51 12.43 -12.37
C LEU A 192 -0.80 12.56 -13.86
N SER A 193 -2.09 12.54 -14.20
CA SER A 193 -2.49 12.81 -15.57
C SER A 193 -2.10 14.24 -15.90
N ALA A 194 -1.43 14.44 -17.04
CA ALA A 194 -1.02 15.81 -17.37
C ALA A 194 -2.19 16.68 -17.82
N ASP A 195 -3.25 16.08 -18.36
CA ASP A 195 -4.35 16.86 -18.94
C ASP A 195 -5.72 16.33 -18.56
N GLY A 196 -5.83 15.35 -17.69
CA GLY A 196 -7.11 14.76 -17.35
C GLY A 196 -7.37 13.40 -17.98
N GLY A 197 -6.63 13.04 -19.03
CA GLY A 197 -6.79 11.75 -19.65
C GLY A 197 -5.67 10.79 -19.25
N PRO A 198 -5.65 9.60 -19.87
CA PRO A 198 -4.65 8.60 -19.50
C PRO A 198 -3.22 9.01 -19.86
N GLY A 199 -2.29 8.58 -19.02
CA GLY A 199 -0.87 8.76 -19.24
C GLY A 199 -0.13 7.62 -18.57
N HIS A 200 1.15 7.47 -18.89
CA HIS A 200 1.87 6.35 -18.32
C HIS A 200 3.36 6.67 -18.25
N ARG A 201 4.06 5.91 -17.41
CA ARG A 201 5.48 6.09 -17.14
C ARG A 201 6.12 4.71 -17.10
N ASP A 202 7.06 4.48 -18.00
CA ASP A 202 7.70 3.18 -18.20
C ASP A 202 9.15 3.25 -17.76
N ILE A 203 9.54 2.35 -16.88
CA ILE A 203 10.84 2.40 -16.20
C ILE A 203 11.40 1.00 -16.10
N VAL A 204 12.68 0.91 -15.77
CA VAL A 204 13.26 -0.35 -15.33
C VAL A 204 14.09 -0.06 -14.09
N ILE A 205 13.92 -0.90 -13.08
CA ILE A 205 14.65 -0.77 -11.82
C ILE A 205 15.57 -1.97 -11.71
N ILE A 206 16.84 -1.70 -11.40
CA ILE A 206 17.85 -2.73 -11.27
C ILE A 206 18.47 -2.61 -9.90
N ALA A 207 18.30 -3.65 -9.08
CA ALA A 207 18.80 -3.66 -7.71
C ALA A 207 20.03 -4.57 -7.68
N PHE A 208 21.15 -4.05 -7.19
CA PHE A 208 22.45 -4.70 -7.23
C PHE A 208 22.85 -5.21 -5.86
N SER A 209 23.17 -6.50 -5.77
CA SER A 209 23.70 -7.09 -4.55
C SER A 209 24.84 -8.01 -4.92
N ARG A 210 25.85 -8.08 -4.05
CA ARG A 210 26.92 -9.04 -4.30
C ARG A 210 26.36 -10.46 -4.29
N TRP A 211 26.95 -11.33 -5.12
CA TRP A 211 26.44 -12.68 -5.25
C TRP A 211 26.40 -13.40 -3.91
N ALA A 212 27.38 -13.12 -3.05
CA ALA A 212 27.45 -13.73 -1.73
C ALA A 212 26.31 -13.28 -0.82
N GLU A 213 25.63 -12.17 -1.18
CA GLU A 213 24.45 -11.66 -0.48
C GLU A 213 23.24 -11.66 -1.40
N LYS A 214 23.18 -12.62 -2.33
CA LYS A 214 22.24 -12.52 -3.44
C LYS A 214 20.79 -12.61 -2.94
N TRP A 215 19.91 -11.94 -3.69
CA TRP A 215 18.47 -11.95 -3.43
C TRP A 215 17.78 -12.97 -4.31
N TYR A 216 18.28 -14.20 -4.27
CA TYR A 216 17.87 -15.24 -5.21
C TYR A 216 18.14 -16.59 -4.57
N GLY A 217 17.20 -17.51 -4.69
CA GLY A 217 17.40 -18.86 -4.22
C GLY A 217 16.61 -19.16 -2.95
N ASP A 218 16.72 -20.42 -2.52
CA ASP A 218 15.90 -20.90 -1.40
C ASP A 218 16.22 -20.19 -0.10
N GLU A 219 17.50 -19.95 0.17
CA GLU A 219 17.88 -19.31 1.43
C GLU A 219 17.34 -17.88 1.49
N HIS A 220 17.52 -17.11 0.41
CA HIS A 220 16.94 -15.77 0.38
C HIS A 220 15.44 -15.81 0.60
N ASP A 221 14.74 -16.66 -0.15
CA ASP A 221 13.28 -16.70 -0.03
C ASP A 221 12.88 -16.99 1.41
N ALA A 222 13.55 -17.95 2.06
CA ALA A 222 13.20 -18.30 3.45
C ALA A 222 13.36 -17.09 4.35
N ALA A 223 14.46 -16.34 4.19
CA ALA A 223 14.69 -15.14 4.99
C ALA A 223 13.64 -14.08 4.70
N ALA A 224 13.36 -13.80 3.42
CA ALA A 224 12.41 -12.75 3.09
C ALA A 224 11.00 -13.10 3.52
N LEU A 225 10.60 -14.37 3.36
CA LEU A 225 9.29 -14.81 3.80
C LEU A 225 9.23 -15.12 5.29
N GLU A 226 10.37 -15.04 5.98
CA GLU A 226 10.48 -15.34 7.41
C GLU A 226 10.03 -16.77 7.71
N GLU A 227 10.47 -17.72 6.89
CA GLU A 227 10.13 -19.14 7.10
C GLU A 227 11.37 -19.98 7.42
N PRO B 2 -18.31 4.63 29.55
CA PRO B 2 -17.65 4.79 28.25
C PRO B 2 -16.38 3.96 28.09
N LEU B 3 -15.43 4.44 27.27
CA LEU B 3 -14.22 3.67 27.02
C LEU B 3 -13.45 3.43 28.31
N GLY B 4 -12.71 2.32 28.33
CA GLY B 4 -11.86 2.02 29.47
C GLY B 4 -10.77 3.05 29.67
N THR B 5 -10.07 2.91 30.80
CA THR B 5 -9.01 3.83 31.18
C THR B 5 -7.93 3.92 30.12
N GLU B 6 -7.67 2.83 29.41
CA GLU B 6 -6.62 2.79 28.41
C GLU B 6 -7.09 3.26 27.04
N GLY B 7 -8.35 3.68 26.92
CA GLY B 7 -8.83 4.27 25.68
C GLY B 7 -9.45 3.32 24.69
N PHE B 8 -9.84 2.12 25.12
CA PHE B 8 -10.48 1.17 24.23
C PHE B 8 -11.36 0.25 25.07
N THR B 9 -12.36 -0.33 24.42
CA THR B 9 -13.17 -1.39 25.01
C THR B 9 -13.52 -2.38 23.93
N VAL B 10 -13.57 -3.65 24.30
CA VAL B 10 -14.02 -4.73 23.44
C VAL B 10 -15.39 -5.17 23.94
N ILE B 11 -16.36 -5.28 23.03
CA ILE B 11 -17.72 -5.64 23.39
C ILE B 11 -18.19 -6.84 22.57
N ASP B 12 -19.24 -7.49 23.06
CA ASP B 12 -19.96 -8.50 22.29
C ASP B 12 -21.12 -7.86 21.54
N LEU B 13 -21.38 -8.39 20.38
CA LEU B 13 -22.45 -7.82 19.59
C LEU B 13 -23.71 -8.67 19.69
N PRO B 14 -24.88 -8.07 19.59
CA PRO B 14 -26.11 -8.86 19.52
C PRO B 14 -26.18 -9.59 18.19
N GLU B 15 -27.16 -10.49 18.11
CA GLU B 15 -27.46 -11.17 16.86
C GLU B 15 -27.78 -10.14 15.78
N VAL B 16 -27.36 -10.41 14.55
CA VAL B 16 -27.59 -9.51 13.43
C VAL B 16 -28.74 -10.05 12.60
N ALA B 17 -29.37 -9.16 11.83
CA ALA B 17 -30.45 -9.57 10.94
C ALA B 17 -29.92 -10.57 9.91
N PRO B 18 -30.79 -11.46 9.40
CA PRO B 18 -30.29 -12.55 8.54
C PRO B 18 -29.79 -12.10 7.18
N ASP B 19 -30.06 -10.86 6.76
CA ASP B 19 -29.54 -10.42 5.46
C ASP B 19 -28.13 -9.85 5.56
N ILE B 20 -27.58 -9.70 6.76
CA ILE B 20 -26.32 -8.99 6.91
C ILE B 20 -25.15 -9.84 6.40
N LEU B 21 -25.01 -11.07 6.93
CA LEU B 21 -23.89 -11.90 6.50
C LEU B 21 -23.91 -12.22 5.01
N PRO B 22 -25.04 -12.59 4.38
CA PRO B 22 -25.01 -12.82 2.93
C PRO B 22 -24.63 -11.61 2.11
N SER B 23 -24.90 -10.39 2.60
CA SER B 23 -24.60 -9.20 1.82
C SER B 23 -23.11 -9.06 1.50
N TYR B 24 -22.24 -9.71 2.28
CA TYR B 24 -20.81 -9.59 2.00
C TYR B 24 -20.44 -10.26 0.69
N ASP B 25 -21.21 -11.26 0.25
CA ASP B 25 -20.97 -11.88 -1.05
C ASP B 25 -21.24 -10.94 -2.22
N ARG B 26 -21.95 -9.84 -2.00
CA ARG B 26 -22.30 -8.93 -3.07
C ARG B 26 -21.56 -7.61 -2.97
N CYS B 27 -20.43 -7.58 -2.25
CA CYS B 27 -19.62 -6.37 -2.23
C CYS B 27 -18.60 -6.40 -3.36
N PRO B 28 -18.52 -5.36 -4.19
CA PRO B 28 -17.58 -5.38 -5.33
C PRO B 28 -16.15 -5.19 -4.87
N VAL B 29 -15.21 -5.53 -5.76
CA VAL B 29 -13.80 -5.39 -5.40
C VAL B 29 -13.50 -3.94 -5.08
N ASP B 30 -12.67 -3.74 -4.06
CA ASP B 30 -12.13 -2.44 -3.71
C ASP B 30 -11.03 -2.11 -4.72
N ASP B 31 -11.29 -1.15 -5.59
CA ASP B 31 -10.32 -0.80 -6.65
C ASP B 31 -9.12 -0.02 -6.15
N TYR B 32 -9.10 0.39 -4.88
CA TYR B 32 -8.07 1.30 -4.40
C TYR B 32 -7.18 0.74 -3.32
N MET B 33 -7.60 -0.31 -2.60
N MET B 33 -7.60 -0.32 -2.62
CA MET B 33 -6.85 -0.88 -1.48
CA MET B 33 -6.84 -0.90 -1.53
C MET B 33 -6.91 -2.40 -1.53
C MET B 33 -6.90 -2.41 -1.55
N GLY B 34 -5.84 -3.03 -1.04
CA GLY B 34 -5.79 -4.47 -0.88
C GLY B 34 -5.38 -5.25 -2.11
N ASN B 35 -5.14 -4.58 -3.23
CA ASN B 35 -4.61 -5.23 -4.45
C ASN B 35 -5.35 -6.51 -4.79
N GLY B 36 -6.68 -6.38 -4.86
CA GLY B 36 -7.53 -7.48 -5.23
C GLY B 36 -8.02 -8.36 -4.09
N THR B 37 -7.48 -8.19 -2.87
CA THR B 37 -7.91 -9.01 -1.74
C THR B 37 -9.11 -8.43 -1.00
N ARG B 38 -9.52 -7.20 -1.31
CA ARG B 38 -10.52 -6.49 -0.53
C ARG B 38 -11.77 -6.21 -1.36
N PHE B 39 -12.92 -6.27 -0.70
CA PHE B 39 -14.21 -6.00 -1.31
C PHE B 39 -14.97 -5.05 -0.37
N LYS B 40 -15.70 -4.09 -0.93
CA LYS B 40 -16.16 -2.98 -0.09
C LYS B 40 -17.47 -2.38 -0.56
N ARG B 41 -18.28 -1.94 0.42
CA ARG B 41 -19.30 -0.92 0.24
C ARG B 41 -19.14 0.14 1.30
N PHE B 42 -19.71 1.32 1.06
CA PHE B 42 -19.45 2.50 1.86
C PHE B 42 -20.70 3.37 1.93
N SER B 43 -21.05 3.82 3.13
CA SER B 43 -22.15 4.76 3.31
C SER B 43 -21.82 5.70 4.45
N GLN B 44 -22.49 6.85 4.49
CA GLN B 44 -22.25 7.85 5.52
C GLN B 44 -23.59 8.26 6.13
N TYR B 45 -23.57 8.57 7.43
CA TYR B 45 -24.80 8.91 8.14
C TYR B 45 -24.58 10.13 9.01
N LYS B 46 -25.68 10.82 9.27
CA LYS B 46 -25.74 11.82 10.32
C LYS B 46 -26.32 11.18 11.57
N LEU B 47 -25.72 11.46 12.73
CA LEU B 47 -26.19 10.98 14.03
C LEU B 47 -26.70 12.18 14.80
N THR B 48 -27.99 12.19 15.09
CA THR B 48 -28.58 13.31 15.82
C THR B 48 -29.11 12.79 17.16
N PRO B 49 -28.70 13.38 18.28
CA PRO B 49 -29.35 13.03 19.53
C PRO B 49 -30.83 13.33 19.44
N ALA B 50 -31.64 12.33 19.76
CA ALA B 50 -33.08 12.44 19.61
C ALA B 50 -33.72 12.67 20.97
N GLU B 51 -35.02 12.99 20.94
CA GLU B 51 -35.82 12.92 22.15
C GLU B 51 -35.62 11.55 22.81
N ASP B 52 -35.76 11.54 24.14
CA ASP B 52 -35.35 10.41 24.96
C ASP B 52 -33.82 10.38 24.97
N ASP B 53 -33.22 9.28 25.45
CA ASP B 53 -31.77 9.10 25.33
C ASP B 53 -31.42 8.27 24.11
N THR B 54 -32.06 8.55 22.98
CA THR B 54 -31.91 7.80 21.75
C THR B 54 -31.11 8.60 20.73
N TRP B 55 -30.73 7.94 19.65
CA TRP B 55 -30.02 8.56 18.55
C TRP B 55 -30.72 8.20 17.26
N SER B 56 -30.87 9.19 16.38
CA SER B 56 -31.50 8.97 15.09
C SER B 56 -30.43 8.93 14.00
N PHE B 57 -30.56 7.99 13.07
CA PHE B 57 -29.65 7.83 11.94
C PHE B 57 -30.31 8.34 10.66
N LYS B 58 -29.60 9.18 9.92
CA LYS B 58 -30.04 9.58 8.59
C LYS B 58 -28.90 9.33 7.60
N ARG B 59 -29.16 8.45 6.64
CA ARG B 59 -28.21 8.17 5.57
C ARG B 59 -28.07 9.39 4.67
N LEU B 60 -26.82 9.84 4.47
CA LEU B 60 -26.54 11.05 3.71
C LEU B 60 -26.46 10.71 2.23
N PRO B 61 -26.68 11.69 1.35
CA PRO B 61 -26.50 11.43 -0.09
C PRO B 61 -25.14 10.83 -0.38
N HIS B 62 -25.12 9.86 -1.29
CA HIS B 62 -23.95 9.03 -1.51
C HIS B 62 -22.83 9.84 -2.16
N ARG B 63 -21.64 9.79 -1.56
CA ARG B 63 -20.49 10.51 -2.09
C ARG B 63 -19.26 9.60 -2.07
N ASP B 64 -18.31 9.90 -2.97
CA ASP B 64 -17.00 9.26 -2.94
C ASP B 64 -16.38 9.39 -1.56
N TYR B 65 -15.63 8.37 -1.16
CA TYR B 65 -14.88 8.42 0.09
C TYR B 65 -13.58 9.17 -0.16
N THR B 66 -13.27 10.13 0.72
CA THR B 66 -12.00 10.83 0.66
C THR B 66 -11.39 10.89 2.05
N THR B 67 -10.09 10.61 2.14
CA THR B 67 -9.38 10.76 3.39
C THR B 67 -8.05 11.46 3.09
N TYR B 68 -7.29 11.76 4.14
CA TYR B 68 -6.05 12.51 4.01
C TYR B 68 -4.85 11.58 3.88
N LYS B 69 -3.88 11.99 3.04
CA LYS B 69 -2.60 11.29 2.97
C LYS B 69 -1.90 11.24 4.31
N LYS B 70 -2.06 12.29 5.13
CA LYS B 70 -1.33 12.31 6.40
C LYS B 70 -1.81 11.23 7.36
N PHE B 71 -3.03 10.71 7.18
CA PHE B 71 -3.50 9.60 7.99
C PHE B 71 -3.35 8.26 7.28
N ASN B 72 -3.50 8.25 5.96
CA ASN B 72 -3.53 7.02 5.18
C ASN B 72 -2.59 7.19 3.99
N PRO B 73 -1.34 6.71 4.09
CA PRO B 73 -0.38 6.97 3.02
C PRO B 73 -0.63 6.18 1.76
N VAL B 74 -1.44 5.12 1.82
CA VAL B 74 -1.65 4.27 0.65
C VAL B 74 -2.99 4.51 -0.02
N GLY B 75 -3.97 5.07 0.68
CA GLY B 75 -5.28 5.28 0.11
C GLY B 75 -5.85 6.65 0.38
N GLY B 76 -5.00 7.61 0.78
CA GLY B 76 -5.43 8.96 1.08
C GLY B 76 -5.23 9.92 -0.08
N GLY B 77 -5.94 11.05 -0.02
CA GLY B 77 -5.78 12.12 -0.99
C GLY B 77 -6.40 11.90 -2.35
N ILE B 78 -7.26 10.90 -2.51
CA ILE B 78 -7.86 10.55 -3.79
C ILE B 78 -9.35 10.28 -3.60
N ARG B 79 -10.13 10.51 -4.66
CA ARG B 79 -11.54 10.16 -4.64
C ARG B 79 -11.69 8.67 -4.81
N ARG B 80 -12.37 8.04 -3.85
CA ARG B 80 -12.54 6.59 -3.84
C ARG B 80 -14.02 6.30 -4.07
N VAL B 81 -14.34 5.84 -5.27
CA VAL B 81 -15.71 5.66 -5.74
C VAL B 81 -16.17 4.27 -5.31
N TYR B 82 -17.07 4.21 -4.35
CA TYR B 82 -17.57 2.97 -3.81
C TYR B 82 -19.09 2.91 -4.00
N GLU B 83 -19.60 1.69 -4.03
CA GLU B 83 -21.05 1.51 -4.04
C GLU B 83 -21.61 1.62 -2.63
N PRO B 84 -22.86 2.08 -2.48
CA PRO B 84 -23.44 2.21 -1.14
C PRO B 84 -23.69 0.87 -0.49
N ILE B 85 -23.69 0.87 0.84
CA ILE B 85 -24.04 -0.31 1.61
C ILE B 85 -25.52 -0.61 1.41
N GLU B 86 -25.84 -1.88 1.18
CA GLU B 86 -27.21 -2.30 0.92
C GLU B 86 -27.99 -2.55 2.20
N VAL B 87 -27.34 -3.14 3.20
CA VAL B 87 -28.04 -3.56 4.41
C VAL B 87 -28.03 -2.43 5.43
N ASP B 88 -28.61 -2.68 6.60
CA ASP B 88 -28.76 -1.66 7.63
C ASP B 88 -27.93 -2.05 8.85
N PHE B 89 -26.79 -1.39 9.02
CA PHE B 89 -25.90 -1.68 10.13
C PHE B 89 -26.23 -0.89 11.39
N THR B 90 -27.27 -0.04 11.35
CA THR B 90 -27.45 0.91 12.45
C THR B 90 -27.77 0.24 13.79
N PRO B 91 -28.46 -0.91 13.84
CA PRO B 91 -28.63 -1.55 15.17
C PRO B 91 -27.31 -1.96 15.79
N LEU B 92 -26.39 -2.47 14.98
CA LEU B 92 -25.06 -2.78 15.49
C LEU B 92 -24.31 -1.52 15.91
N ILE B 93 -24.39 -0.46 15.12
CA ILE B 93 -23.72 0.79 15.47
C ILE B 93 -24.28 1.34 16.78
N SER B 94 -25.60 1.22 17.00
CA SER B 94 -26.19 1.69 18.24
C SER B 94 -25.50 1.09 19.47
N GLU B 95 -25.10 -0.18 19.36
CA GLU B 95 -24.38 -0.81 20.47
C GLU B 95 -23.09 -0.06 20.77
N GLY B 96 -22.34 0.32 19.73
CA GLY B 96 -21.13 1.10 19.94
C GLY B 96 -21.41 2.47 20.50
N ILE B 97 -22.46 3.14 20.01
CA ILE B 97 -22.82 4.45 20.53
C ILE B 97 -23.10 4.37 22.02
N ARG B 98 -23.79 3.31 22.45
CA ARG B 98 -24.14 3.17 23.85
C ARG B 98 -22.90 2.93 24.70
N GLU B 99 -21.98 2.10 24.22
CA GLU B 99 -20.76 1.81 24.96
C GLU B 99 -19.85 3.03 25.02
N LEU B 100 -19.80 3.81 23.93
CA LEU B 100 -18.99 5.03 23.91
C LEU B 100 -19.55 6.12 24.81
N GLY B 101 -20.87 6.13 25.02
CA GLY B 101 -21.51 7.26 25.66
C GLY B 101 -21.28 8.53 24.87
N LEU B 102 -21.57 8.48 23.56
CA LEU B 102 -21.32 9.59 22.67
C LEU B 102 -21.93 10.88 23.22
N ASP B 103 -21.14 11.95 23.16
CA ASP B 103 -21.54 13.26 23.67
C ASP B 103 -22.83 13.73 22.99
N ARG B 104 -23.88 13.93 23.78
CA ARG B 104 -25.16 14.32 23.22
C ARG B 104 -25.30 15.82 23.04
N SER B 105 -24.27 16.61 23.35
CA SER B 105 -24.39 18.05 23.24
C SER B 105 -24.27 18.56 21.82
N GLU B 106 -23.94 17.71 20.84
CA GLU B 106 -23.91 18.13 19.44
C GLU B 106 -24.06 16.90 18.55
N PRO B 107 -24.47 17.08 17.30
CA PRO B 107 -24.68 15.93 16.42
C PRO B 107 -23.36 15.42 15.87
N TRP B 108 -23.42 14.20 15.34
CA TRP B 108 -22.24 13.47 14.89
C TRP B 108 -22.43 13.05 13.44
N GLN B 109 -21.33 12.67 12.80
CA GLN B 109 -21.34 12.12 11.45
C GLN B 109 -20.48 10.87 11.45
N ILE B 110 -20.91 9.82 10.75
CA ILE B 110 -20.17 8.56 10.72
C ILE B 110 -19.89 8.12 9.29
N ASN B 111 -18.70 7.56 9.10
CA ASN B 111 -18.34 6.81 7.90
C ASN B 111 -18.52 5.33 8.23
N VAL B 112 -19.18 4.60 7.34
CA VAL B 112 -19.45 3.17 7.54
C VAL B 112 -18.83 2.41 6.38
N HIS B 113 -17.85 1.55 6.69
CA HIS B 113 -17.14 0.75 5.72
C HIS B 113 -17.52 -0.70 5.91
N GLN B 114 -18.08 -1.31 4.87
CA GLN B 114 -18.37 -2.74 4.89
C GLN B 114 -17.28 -3.44 4.07
N ASN B 115 -16.42 -4.20 4.75
CA ASN B 115 -15.19 -4.75 4.17
C ASN B 115 -15.20 -6.26 4.26
N ARG B 116 -14.89 -6.94 3.16
CA ARG B 116 -14.47 -8.33 3.17
C ARG B 116 -13.02 -8.40 2.71
N THR B 117 -12.17 -9.05 3.49
CA THR B 117 -10.81 -9.34 3.05
C THR B 117 -10.65 -10.83 2.88
N ARG B 118 -10.10 -11.24 1.74
CA ARG B 118 -9.86 -12.64 1.45
C ARG B 118 -8.41 -13.01 1.66
N ALA B 119 -8.18 -14.25 2.11
CA ALA B 119 -6.85 -14.82 2.16
C ALA B 119 -6.86 -16.14 1.41
N ASP B 120 -5.69 -16.56 0.95
CA ASP B 120 -5.54 -17.84 0.28
C ASP B 120 -4.14 -18.33 0.58
N GLY B 121 -3.89 -19.60 0.26
CA GLY B 121 -2.54 -20.11 0.44
C GLY B 121 -1.54 -19.24 -0.30
N GLY B 122 -0.47 -18.83 0.37
CA GLY B 122 0.56 -18.01 -0.24
C GLY B 122 0.21 -16.56 -0.45
N ARG B 123 -1.04 -16.14 -0.21
CA ARG B 123 -1.47 -14.76 -0.41
C ARG B 123 -2.28 -14.28 0.78
N PRO B 124 -1.63 -13.68 1.78
CA PRO B 124 -2.36 -13.11 2.91
C PRO B 124 -3.26 -11.96 2.47
N GLY B 125 -4.23 -11.64 3.32
CA GLY B 125 -5.08 -10.49 3.07
C GLY B 125 -4.72 -9.34 3.99
N PRO B 126 -4.16 -8.27 3.43
CA PRO B 126 -3.74 -7.13 4.27
C PRO B 126 -4.95 -6.40 4.84
N LEU B 127 -4.91 -6.13 6.13
CA LEU B 127 -5.98 -5.41 6.80
C LEU B 127 -5.64 -3.94 7.04
N THR B 128 -4.41 -3.63 7.43
CA THR B 128 -4.00 -2.24 7.63
C THR B 128 -2.68 -2.01 6.89
N PRO B 129 -2.72 -1.95 5.55
CA PRO B 129 -1.51 -1.59 4.82
C PRO B 129 -1.04 -0.19 5.13
N GLU B 130 -1.85 0.62 5.81
CA GLU B 130 -1.41 1.91 6.33
C GLU B 130 -0.30 1.75 7.36
N GLY B 131 -0.10 0.56 7.90
CA GLY B 131 0.76 0.40 9.05
C GLY B 131 0.03 0.87 10.31
N VAL B 132 0.81 1.10 11.36
CA VAL B 132 0.28 1.68 12.59
C VAL B 132 -0.22 3.08 12.26
N HIS B 133 -1.48 3.37 12.58
CA HIS B 133 -2.06 4.61 12.07
C HIS B 133 -3.20 5.08 12.97
N HIS B 134 -3.55 6.36 12.81
CA HIS B 134 -4.84 6.89 13.24
C HIS B 134 -5.72 7.00 12.01
N ASP B 135 -7.02 6.80 12.19
CA ASP B 135 -7.90 7.00 11.06
C ASP B 135 -8.20 8.47 10.85
N GLY B 136 -7.97 9.29 11.87
CA GLY B 136 -8.13 10.71 11.77
C GLY B 136 -9.39 11.24 12.41
N HIS B 137 -10.21 10.35 12.96
CA HIS B 137 -11.49 10.69 13.57
C HIS B 137 -11.34 10.78 15.09
N GLU B 138 -12.48 10.89 15.78
CA GLU B 138 -12.44 10.97 17.23
C GLU B 138 -12.62 9.60 17.87
N PHE B 139 -13.54 8.79 17.35
CA PHE B 139 -13.72 7.42 17.82
C PHE B 139 -13.86 6.51 16.62
N VAL B 140 -13.45 5.26 16.80
CA VAL B 140 -13.57 4.25 15.74
C VAL B 140 -14.14 2.98 16.36
N MET B 141 -15.08 2.35 15.65
CA MET B 141 -15.65 1.07 16.00
C MET B 141 -15.32 0.10 14.90
N ILE B 142 -14.76 -1.06 15.24
CA ILE B 142 -14.49 -2.09 14.24
C ILE B 142 -15.19 -3.36 14.70
N ALA B 143 -16.12 -3.85 13.89
CA ALA B 143 -16.94 -5.00 14.27
C ALA B 143 -16.65 -6.17 13.33
N ILE B 144 -16.43 -7.35 13.90
CA ILE B 144 -16.19 -8.57 13.14
C ILE B 144 -17.52 -9.29 12.96
N LEU B 145 -17.96 -9.45 11.71
CA LEU B 145 -19.24 -10.08 11.46
C LEU B 145 -19.12 -11.56 11.14
N ASN B 146 -18.02 -11.97 10.52
CA ASN B 146 -17.86 -13.35 10.08
C ASN B 146 -16.40 -13.61 9.76
N LYS B 147 -15.91 -14.77 10.17
CA LYS B 147 -14.57 -15.23 9.76
C LYS B 147 -14.66 -16.68 9.35
N VAL B 148 -14.05 -17.03 8.21
CA VAL B 148 -14.07 -18.39 7.70
C VAL B 148 -12.64 -18.76 7.31
N ASN B 149 -12.08 -19.78 7.97
CA ASN B 149 -10.83 -20.40 7.56
C ASN B 149 -9.66 -19.43 7.51
N VAL B 150 -9.56 -18.58 8.52
CA VAL B 150 -8.45 -17.63 8.55
C VAL B 150 -7.74 -17.69 9.89
N ALA B 151 -6.45 -17.38 9.86
CA ALA B 151 -5.64 -17.11 11.03
C ALA B 151 -5.14 -15.67 10.93
N GLY B 152 -4.25 -15.30 11.86
CA GLY B 152 -3.79 -13.93 11.90
C GLY B 152 -4.94 -12.98 12.17
N GLY B 153 -4.88 -11.80 11.57
CA GLY B 153 -5.93 -10.82 11.82
C GLY B 153 -5.96 -10.33 13.25
N THR B 154 -4.80 -10.12 13.86
CA THR B 154 -4.72 -9.71 15.26
C THR B 154 -4.65 -8.20 15.36
N THR B 155 -5.59 -7.62 16.10
CA THR B 155 -5.61 -6.18 16.34
C THR B 155 -4.57 -5.81 17.38
N ARG B 156 -3.83 -4.74 17.13
CA ARG B 156 -2.81 -4.29 18.06
C ARG B 156 -2.98 -2.81 18.30
N LEU B 157 -3.02 -2.42 19.57
CA LEU B 157 -3.24 -1.03 19.94
C LEU B 157 -1.92 -0.42 20.41
N TRP B 158 -1.65 0.81 20.01
CA TRP B 158 -0.34 1.40 20.22
C TRP B 158 -0.46 2.79 20.82
N LYS B 159 0.42 3.09 21.74
CA LYS B 159 0.48 4.49 22.13
C LYS B 159 1.43 5.22 21.18
N PRO B 160 1.18 6.50 20.91
CA PRO B 160 2.03 7.23 19.96
C PRO B 160 3.50 7.18 20.36
N GLY B 161 4.34 6.89 19.36
CA GLY B 161 5.78 6.81 19.57
C GLY B 161 6.29 5.47 20.04
N ALA B 162 5.41 4.57 20.49
CA ALA B 162 5.87 3.34 21.13
C ALA B 162 6.41 2.36 20.10
N ASP B 163 7.46 1.63 20.51
CA ASP B 163 8.07 0.60 19.68
C ASP B 163 7.22 -0.66 19.58
N ALA B 164 6.28 -0.86 20.51
CA ALA B 164 5.52 -2.10 20.54
C ALA B 164 4.10 -1.77 20.98
N PRO B 165 3.12 -2.59 20.60
CA PRO B 165 1.76 -2.35 21.08
C PRO B 165 1.63 -2.67 22.56
N PHE B 166 0.71 -1.97 23.22
CA PHE B 166 0.45 -2.26 24.63
C PHE B 166 -0.68 -3.26 24.82
N TRP B 167 -1.46 -3.52 23.78
CA TRP B 167 -2.55 -4.49 23.87
C TRP B 167 -2.67 -5.16 22.52
N SER B 168 -2.94 -6.46 22.52
CA SER B 168 -3.20 -7.13 21.26
C SER B 168 -4.26 -8.19 21.47
N GLY B 169 -5.05 -8.42 20.42
CA GLY B 169 -6.05 -9.46 20.49
C GLY B 169 -6.65 -9.74 19.13
N THR B 170 -6.94 -11.00 18.85
CA THR B 170 -7.61 -11.39 17.62
C THR B 170 -9.12 -11.31 17.85
N LEU B 171 -9.75 -10.29 17.26
CA LEU B 171 -11.19 -10.11 17.39
C LEU B 171 -11.92 -11.19 16.59
N GLU B 172 -12.93 -11.79 17.19
CA GLU B 172 -13.65 -12.89 16.54
C GLU B 172 -15.04 -12.43 16.12
N ALA B 173 -15.66 -13.25 15.27
CA ALA B 173 -17.03 -12.95 14.83
C ALA B 173 -17.92 -12.71 16.03
N GLY B 174 -18.65 -11.60 16.02
CA GLY B 174 -19.44 -11.22 17.16
C GLY B 174 -18.76 -10.30 18.15
N GLN B 175 -17.52 -9.89 17.90
CA GLN B 175 -16.86 -8.92 18.75
C GLN B 175 -16.65 -7.61 17.99
N ALA B 176 -16.55 -6.53 18.75
CA ALA B 176 -16.19 -5.23 18.21
C ALA B 176 -15.21 -4.59 19.18
N VAL B 177 -14.29 -3.79 18.65
CA VAL B 177 -13.44 -2.94 19.49
C VAL B 177 -13.86 -1.52 19.25
N LEU B 178 -13.92 -0.75 20.34
CA LEU B 178 -14.18 0.68 20.31
C LEU B 178 -12.91 1.38 20.76
N LEU B 179 -12.49 2.43 20.05
CA LEU B 179 -11.23 3.00 20.47
C LEU B 179 -11.23 4.51 20.32
N ASP B 180 -10.44 5.15 21.19
CA ASP B 180 -10.04 6.54 21.09
C ASP B 180 -9.03 6.66 19.95
N ASP B 181 -9.50 7.15 18.81
CA ASP B 181 -8.71 7.20 17.57
C ASP B 181 -7.71 8.34 17.57
N ARG B 182 -7.76 9.22 18.58
CA ARG B 182 -6.80 10.32 18.71
C ARG B 182 -5.68 9.98 19.68
N GLY B 183 -6.04 9.38 20.83
CA GLY B 183 -5.06 9.01 21.84
C GLY B 183 -4.34 7.70 21.57
N LEU B 184 -4.91 6.82 20.75
CA LEU B 184 -4.30 5.55 20.40
C LEU B 184 -4.15 5.44 18.88
N ALA B 185 -3.17 4.65 18.46
CA ALA B 185 -3.05 4.21 17.08
C ALA B 185 -3.26 2.71 17.02
N HIS B 186 -3.49 2.19 15.83
CA HIS B 186 -3.77 0.76 15.72
C HIS B 186 -3.18 0.23 14.42
N ASP B 187 -2.93 -1.08 14.42
CA ASP B 187 -2.82 -1.83 13.18
C ASP B 187 -3.41 -3.20 13.43
N VAL B 188 -3.47 -4.00 12.37
CA VAL B 188 -3.93 -5.37 12.47
C VAL B 188 -3.02 -6.22 11.60
N THR B 189 -2.62 -7.39 12.09
CA THR B 189 -1.80 -8.29 11.29
C THR B 189 -2.65 -8.84 10.14
N ASP B 190 -1.96 -9.20 9.05
CA ASP B 190 -2.62 -9.77 7.88
C ASP B 190 -3.47 -10.98 8.26
N VAL B 191 -4.60 -11.11 7.56
CA VAL B 191 -5.36 -12.35 7.51
C VAL B 191 -4.53 -13.40 6.79
N LEU B 192 -4.42 -14.59 7.38
CA LEU B 192 -3.78 -15.72 6.74
C LEU B 192 -4.77 -16.82 6.46
N SER B 193 -4.49 -17.63 5.44
CA SER B 193 -5.26 -18.84 5.19
C SER B 193 -4.97 -19.82 6.31
N ALA B 194 -6.04 -20.38 6.90
CA ALA B 194 -5.85 -21.27 8.04
C ALA B 194 -5.36 -22.66 7.62
N ASP B 195 -5.71 -23.13 6.41
CA ASP B 195 -5.37 -24.48 6.02
C ASP B 195 -4.66 -24.57 4.67
N GLY B 196 -4.33 -23.43 4.06
CA GLY B 196 -3.80 -23.39 2.71
C GLY B 196 -4.82 -23.05 1.65
N GLY B 197 -6.11 -23.11 1.98
CA GLY B 197 -7.15 -22.77 1.04
C GLY B 197 -7.75 -21.40 1.29
N PRO B 198 -8.78 -21.06 0.56
CA PRO B 198 -9.37 -19.71 0.67
C PRO B 198 -10.06 -19.49 2.00
N GLY B 199 -10.01 -18.24 2.47
CA GLY B 199 -10.68 -17.82 3.69
C GLY B 199 -10.97 -16.33 3.61
N HIS B 200 -11.81 -15.85 4.53
CA HIS B 200 -12.21 -14.45 4.45
C HIS B 200 -12.65 -13.94 5.81
N ARG B 201 -12.68 -12.62 5.93
CA ARG B 201 -12.98 -11.94 7.18
C ARG B 201 -13.83 -10.73 6.84
N ASP B 202 -15.04 -10.70 7.40
CA ASP B 202 -16.06 -9.72 7.06
C ASP B 202 -16.28 -8.82 8.26
N ILE B 203 -16.16 -7.51 8.06
CA ILE B 203 -16.15 -6.55 9.15
C ILE B 203 -16.92 -5.31 8.71
N VAL B 204 -17.25 -4.48 9.69
CA VAL B 204 -17.73 -3.14 9.43
C VAL B 204 -16.92 -2.20 10.31
N ILE B 205 -16.47 -1.09 9.72
CA ILE B 205 -15.71 -0.07 10.42
C ILE B 205 -16.55 1.19 10.45
N ILE B 206 -16.73 1.76 11.64
CA ILE B 206 -17.50 2.99 11.80
C ILE B 206 -16.58 4.04 12.40
N ALA B 207 -16.40 5.15 11.69
CA ALA B 207 -15.55 6.25 12.14
C ALA B 207 -16.42 7.42 12.55
N PHE B 208 -16.24 7.90 13.79
CA PHE B 208 -17.14 8.87 14.41
C PHE B 208 -16.47 10.23 14.47
N SER B 209 -17.15 11.24 13.92
CA SER B 209 -16.69 12.61 14.00
C SER B 209 -17.89 13.49 14.34
N ARG B 210 -17.66 14.52 15.16
CA ARG B 210 -18.71 15.52 15.38
C ARG B 210 -19.09 16.17 14.07
N TRP B 211 -20.39 16.50 13.95
CA TRP B 211 -20.89 17.12 12.72
C TRP B 211 -20.10 18.36 12.37
N ALA B 212 -19.71 19.14 13.39
CA ALA B 212 -18.95 20.38 13.17
C ALA B 212 -17.59 20.11 12.55
N GLU B 213 -17.09 18.87 12.64
CA GLU B 213 -15.83 18.46 12.01
C GLU B 213 -16.07 17.28 11.07
N LYS B 214 -17.21 17.28 10.38
CA LYS B 214 -17.64 16.13 9.61
C LYS B 214 -16.70 15.83 8.45
N TRP B 215 -16.55 14.53 8.17
CA TRP B 215 -15.81 14.02 7.03
C TRP B 215 -16.71 13.83 5.83
N TYR B 216 -17.45 14.89 5.46
CA TYR B 216 -18.49 14.79 4.44
C TYR B 216 -18.72 16.18 3.86
N GLY B 217 -18.84 16.27 2.54
CA GLY B 217 -19.16 17.53 1.88
C GLY B 217 -17.99 18.09 1.10
N ASP B 218 -18.27 19.21 0.40
CA ASP B 218 -17.27 19.81 -0.50
C ASP B 218 -16.05 20.31 0.26
N GLU B 219 -16.24 20.87 1.46
CA GLU B 219 -15.12 21.42 2.21
C GLU B 219 -14.19 20.31 2.70
N HIS B 220 -14.77 19.26 3.29
CA HIS B 220 -13.95 18.10 3.64
C HIS B 220 -13.20 17.57 2.43
N ASP B 221 -13.91 17.32 1.32
CA ASP B 221 -13.25 16.76 0.14
C ASP B 221 -12.07 17.62 -0.30
N ALA B 222 -12.28 18.95 -0.34
CA ALA B 222 -11.20 19.84 -0.80
C ALA B 222 -9.98 19.71 0.10
N ALA B 223 -10.18 19.59 1.40
CA ALA B 223 -9.07 19.47 2.34
C ALA B 223 -8.36 18.14 2.17
N ALA B 224 -9.13 17.05 2.09
CA ALA B 224 -8.52 15.73 2.00
C ALA B 224 -7.77 15.56 0.69
N LEU B 225 -8.32 16.10 -0.40
CA LEU B 225 -7.70 16.06 -1.72
C LEU B 225 -6.63 17.14 -1.93
N GLU B 226 -6.41 18.00 -0.92
CA GLU B 226 -5.42 19.09 -0.98
C GLU B 226 -5.69 20.04 -2.15
N GLU B 227 -6.96 20.40 -2.35
CA GLU B 227 -7.34 21.23 -3.48
C GLU B 227 -7.47 22.71 -3.11
MN MN C . 12.80 1.73 -4.41
C1 AKG D . 11.03 1.27 -5.73
O1 AKG D . 10.09 0.86 -6.42
O2 AKG D . 11.56 0.77 -4.75
C2 AKG D . 11.33 2.65 -6.35
O5 AKG D . 12.17 3.29 -5.79
C3 AKG D . 10.53 3.05 -7.57
C4 AKG D . 11.19 4.17 -8.38
C5 AKG D . 10.50 5.01 -9.50
O3 AKG D . 11.16 5.96 -9.95
O4 AKG D . 9.33 4.72 -9.90
N1 6HN E . 14.34 -5.29 -5.28
N 6HN E . 10.01 -1.76 -4.30
CA 6HN E . 9.84 -2.40 -5.58
C 6HN E . 8.65 -3.37 -5.52
OXT 6HN E . 8.00 -3.61 -6.56
O 6HN E . 8.33 -3.92 -4.42
CB 6HN E . 11.10 -3.18 -5.99
CG 6HN E . 12.35 -2.29 -6.21
CD 6HN E . 13.62 -3.17 -6.47
CE 6HN E . 14.17 -3.84 -5.24
O2 6HN E . 14.51 -5.87 -6.31
O1 6HN E . 14.28 -5.99 -4.09
I IOD F . 27.75 -18.68 -14.91
I IOD G . -5.52 13.59 -9.97
I IOD H . 0.44 -0.81 -3.01
N1 6HN I . 25.53 -22.80 -12.03
N 6HN I . 21.27 -20.53 -10.98
CA 6HN I . 22.25 -20.64 -9.87
C 6HN I . 21.60 -20.59 -8.49
OXT 6HN I . 22.24 -20.18 -7.54
O 6HN I . 20.44 -21.02 -8.35
CB 6HN I . 23.45 -19.70 -10.07
CG 6HN I . 23.89 -19.45 -11.48
CD 6HN I . 24.37 -20.72 -12.18
CE 6HN I . 25.04 -21.71 -11.24
O2 6HN I . 26.62 -22.69 -12.47
O1 6HN I . 24.71 -23.89 -12.29
MN MN J . -7.93 2.16 10.85
C1 AKG K . -8.63 0.32 8.67
O1 AKG K . -8.93 -0.27 7.60
O2 AKG K . -8.37 1.51 8.90
C2 AKG K . -8.58 -0.62 9.90
O5 AKG K . -8.29 -0.13 10.97
C3 AKG K . -8.89 -2.06 9.70
C4 AKG K . -9.42 -2.74 10.94
C5 AKG K . -9.54 -4.26 10.86
O3 AKG K . -9.49 -4.83 9.76
O4 AKG K . -9.68 -4.80 11.99
N1 6HN L . -12.53 6.69 7.78
N 6HN L . -8.37 3.14 6.54
CA 6HN L . -9.59 2.61 5.96
C 6HN L . -9.53 2.72 4.45
OXT 6HN L . -10.15 1.90 3.74
O 6HN L . -8.86 3.64 3.89
CB 6HN L . -10.79 3.43 6.44
CG 6HN L . -11.03 3.31 7.96
CD 6HN L . -12.14 4.29 8.34
CE 6HN L . -11.63 5.70 8.34
O2 6HN L . -13.66 6.41 7.51
O1 6HN L . -12.02 7.94 7.55
I IOD M . -2.92 -1.07 -0.31
I IOD N . -4.79 -2.72 28.74
I IOD O . 0.76 -17.24 3.51
I IOD P . -29.25 4.37 20.03
C1 EDO Q . -9.66 -10.28 22.65
O1 EDO Q . -9.22 -10.25 21.32
C2 EDO Q . -10.89 -9.44 22.82
O2 EDO Q . -10.69 -8.57 23.91
C1 GOL R . -12.90 -10.17 26.40
O1 GOL R . -13.54 -9.91 25.16
C2 GOL R . -11.38 -10.16 26.24
O2 GOL R . -10.80 -9.53 27.38
C3 GOL R . -10.72 -11.52 25.98
O3 GOL R . -11.05 -12.04 24.70
C1 GOL S . -25.21 18.51 5.31
O1 GOL S . -26.28 17.98 6.08
C2 GOL S . -24.29 17.38 4.95
O2 GOL S . -23.34 17.85 4.03
C3 GOL S . -25.13 16.22 4.45
O3 GOL S . -25.37 16.38 3.07
#